data_1LHD
#
_entry.id   1LHD
#
_cell.length_a   70.300
_cell.length_b   71.900
_cell.length_c   71.900
_cell.angle_alpha   90.00
_cell.angle_beta   100.90
_cell.angle_gamma   90.00
#
_symmetry.space_group_name_H-M   'C 1 2 1'
#
loop_
_entity.id
_entity.type
_entity.pdbx_description
1 polymer ALPHA-THROMBIN
2 polymer ALPHA-THROMBIN
3 polymer HIRUDIN
4 non-polymer AC-(D)PHE-PRO-BOROLYS-OH
5 water water
#
loop_
_entity_poly.entity_id
_entity_poly.type
_entity_poly.pdbx_seq_one_letter_code
_entity_poly.pdbx_strand_id
1 'polypeptide(L)' TFGSGEADCGLRPLFEKKSLEDKTERELLESYIDGR L
2 'polypeptide(L)'
;IVEGSDAEIGMSPWQVMLFRKSPQELLCGASLISDRWVLTAAHCLLYPPWDKNFTENDLLVRIGKHSRTRYERNIEKISM
LEKIYIHPRYNWRENLDRDIALMKLKKPVAFSDYIHPVCLPDRETAASLLQAGYKGRVTGWGNLKETWTANVGKGQPSVL
QVVNLPIVERPVCKDSTRIRITDNMFCAGYKPDEGKRGDACEGDSGGPFVMKSPFNNRWYQMGIVSWGEGCDRDGKYGFY
THVFRLKKWIQKVIDQFGE
;
H
3 'polypeptide(L)' GDFEEIPEEYLQ I
#
loop_
_chem_comp.id
_chem_comp.type
_chem_comp.name
_chem_comp.formula
DI2 non-polymer AC-(D)PHE-PRO-BOROLYS-OH 'C21 H33 B N4 O5'
#
# COMPACT_ATOMS: atom_id res chain seq x y z
N ALA A 7 -14.29 5.09 11.17
CA ALA A 7 -15.74 5.49 11.22
C ALA A 7 -16.51 4.38 10.48
N ASP A 8 -16.40 4.48 9.18
CA ASP A 8 -16.96 3.54 8.21
C ASP A 8 -15.82 2.80 7.49
N CYS A 9 -14.62 3.04 7.97
CA CYS A 9 -13.39 2.50 7.40
C CYS A 9 -13.32 1.00 7.39
N GLY A 10 -12.70 0.50 6.32
CA GLY A 10 -12.40 -0.90 6.11
C GLY A 10 -13.60 -1.76 5.81
N LEU A 11 -14.73 -1.12 5.67
CA LEU A 11 -16.00 -1.81 5.31
C LEU A 11 -16.25 -1.46 3.83
N ARG A 12 -15.94 -2.40 2.97
CA ARG A 12 -16.06 -2.25 1.52
C ARG A 12 -17.52 -2.26 1.07
N PRO A 13 -17.85 -1.23 0.29
CA PRO A 13 -19.21 -1.08 -0.26
C PRO A 13 -19.72 -2.35 -0.93
N LEU A 14 -18.98 -2.89 -1.85
CA LEU A 14 -19.27 -4.02 -2.69
C LEU A 14 -19.08 -5.38 -2.05
N PHE A 15 -18.50 -5.37 -0.86
CA PHE A 15 -18.27 -6.64 -0.14
C PHE A 15 -18.95 -6.63 1.20
N GLU A 16 -18.24 -6.15 2.22
CA GLU A 16 -18.70 -6.18 3.59
C GLU A 16 -20.08 -5.65 3.83
N LYS A 17 -20.46 -4.60 3.19
CA LYS A 17 -21.70 -3.87 3.27
C LYS A 17 -22.91 -4.59 2.68
N LYS A 18 -22.66 -5.51 1.80
CA LYS A 18 -23.63 -6.33 1.09
C LYS A 18 -23.48 -7.78 1.59
N SER A 19 -22.48 -7.95 2.44
CA SER A 19 -22.20 -9.29 3.01
C SER A 19 -21.74 -10.26 1.94
N LEU A 20 -20.90 -9.74 1.03
CA LEU A 20 -20.27 -10.51 -0.03
C LEU A 20 -18.76 -10.64 0.27
N GLU A 21 -18.26 -11.84 0.08
CA GLU A 21 -16.86 -12.19 0.27
C GLU A 21 -16.06 -12.22 -1.02
N ASP A 22 -14.90 -11.55 -0.96
CA ASP A 22 -13.99 -11.61 -2.12
C ASP A 22 -13.52 -13.06 -2.19
N LYS A 23 -13.01 -13.42 -3.34
CA LYS A 23 -12.58 -14.74 -3.69
C LYS A 23 -11.43 -15.31 -2.94
N THR A 24 -10.59 -14.51 -2.30
CA THR A 24 -9.46 -15.05 -1.54
C THR A 24 -9.39 -14.57 -0.11
N GLU A 25 -10.37 -13.79 0.35
CA GLU A 25 -10.31 -13.28 1.72
C GLU A 25 -10.33 -14.35 2.77
N ARG A 26 -10.92 -15.47 2.47
CA ARG A 26 -11.03 -16.61 3.43
C ARG A 26 -9.64 -17.16 3.72
N GLU A 27 -8.76 -16.93 2.75
CA GLU A 27 -7.37 -17.39 2.86
C GLU A 27 -6.69 -16.71 4.06
N LEU A 28 -7.02 -15.46 4.24
CA LEU A 28 -6.55 -14.58 5.28
C LEU A 28 -7.10 -14.94 6.66
N LEU A 29 -8.41 -14.94 6.79
CA LEU A 29 -9.12 -15.26 8.02
C LEU A 29 -8.79 -16.68 8.50
N GLU A 30 -8.32 -17.52 7.61
CA GLU A 30 -7.89 -18.88 7.96
C GLU A 30 -6.49 -18.94 8.53
N SER A 31 -5.71 -17.90 8.27
CA SER A 31 -4.31 -17.85 8.76
C SER A 31 -4.30 -17.28 10.18
N TYR A 32 -5.39 -16.63 10.52
CA TYR A 32 -5.53 -15.98 11.84
C TYR A 32 -5.75 -17.04 12.92
N ILE B 1 3.31 -6.44 -8.55
CA ILE B 1 3.01 -7.70 -7.86
C ILE B 1 3.37 -8.87 -8.78
N VAL B 2 4.23 -9.74 -8.28
CA VAL B 2 4.67 -10.96 -8.95
C VAL B 2 3.88 -12.12 -8.33
N GLU B 3 3.37 -12.99 -9.18
CA GLU B 3 2.58 -14.15 -8.79
C GLU B 3 1.28 -13.74 -8.12
N GLY B 4 0.73 -12.62 -8.58
CA GLY B 4 -0.54 -12.09 -8.08
C GLY B 4 -1.68 -12.46 -9.03
N SER B 5 -2.83 -11.87 -8.71
CA SER B 5 -4.06 -12.07 -9.49
C SER B 5 -4.75 -10.70 -9.64
N ASP B 6 -5.49 -10.60 -10.71
CA ASP B 6 -6.29 -9.39 -10.98
C ASP B 6 -7.23 -9.21 -9.76
N ALA B 7 -7.30 -7.99 -9.29
CA ALA B 7 -8.24 -7.68 -8.19
C ALA B 7 -9.67 -7.75 -8.79
N GLU B 8 -10.62 -7.93 -7.90
CA GLU B 8 -12.04 -7.86 -8.30
C GLU B 8 -12.42 -6.38 -8.17
N ILE B 9 -13.47 -5.98 -8.86
CA ILE B 9 -13.95 -4.58 -8.75
C ILE B 9 -14.32 -4.39 -7.27
N GLY B 10 -13.93 -3.30 -6.70
CA GLY B 10 -14.15 -2.82 -5.37
C GLY B 10 -13.46 -3.57 -4.26
N MET B 11 -12.49 -4.38 -4.61
CA MET B 11 -11.73 -5.21 -3.67
C MET B 11 -10.89 -4.35 -2.73
N SER B 12 -10.32 -3.29 -3.24
CA SER B 12 -9.48 -2.34 -2.54
C SER B 12 -9.87 -0.89 -2.86
N PRO B 13 -11.00 -0.48 -2.32
CA PRO B 13 -11.51 0.87 -2.55
C PRO B 13 -10.64 1.95 -1.98
N TRP B 14 -9.52 1.59 -1.39
CA TRP B 14 -8.58 2.52 -0.76
C TRP B 14 -7.32 2.72 -1.60
N GLN B 15 -7.11 1.79 -2.50
CA GLN B 15 -5.94 1.81 -3.43
C GLN B 15 -6.00 3.13 -4.20
N VAL B 16 -4.88 3.82 -4.18
CA VAL B 16 -4.65 5.11 -4.82
C VAL B 16 -3.43 4.96 -5.75
N MET B 17 -3.50 5.64 -6.87
CA MET B 17 -2.36 5.66 -7.81
C MET B 17 -1.68 7.02 -7.66
N LEU B 18 -0.37 6.99 -7.53
CA LEU B 18 0.40 8.28 -7.54
C LEU B 18 0.90 8.36 -9.01
N PHE B 19 0.57 9.48 -9.59
CA PHE B 19 0.81 9.70 -11.05
C PHE B 19 1.42 11.06 -11.30
N ARG B 20 2.55 11.08 -12.02
CA ARG B 20 3.17 12.39 -12.33
C ARG B 20 2.62 12.88 -13.66
N LYS B 21 2.51 14.19 -13.75
CA LYS B 21 1.98 14.91 -14.90
C LYS B 21 2.85 14.78 -16.14
N SER B 22 4.05 15.31 -16.04
CA SER B 22 5.02 15.33 -17.16
C SER B 22 6.34 14.67 -16.73
N PRO B 23 6.68 13.50 -17.26
CA PRO B 23 5.86 12.74 -18.21
C PRO B 23 4.81 11.97 -17.40
N GLN B 24 3.63 11.85 -17.95
CA GLN B 24 2.51 11.14 -17.35
C GLN B 24 2.92 9.67 -17.13
N GLU B 25 2.94 9.28 -15.86
CA GLU B 25 3.33 7.89 -15.55
C GLU B 25 3.10 7.53 -14.09
N LEU B 26 2.94 6.22 -13.87
CA LEU B 26 2.72 5.62 -12.57
C LEU B 26 3.99 5.78 -11.73
N LEU B 27 3.81 6.49 -10.63
CA LEU B 27 4.91 6.71 -9.68
C LEU B 27 4.92 5.57 -8.65
N CYS B 28 3.80 5.45 -7.96
CA CYS B 28 3.63 4.48 -6.87
C CYS B 28 2.14 4.23 -6.53
N GLY B 29 2.01 3.32 -5.57
CA GLY B 29 0.71 2.98 -4.98
C GLY B 29 0.52 4.00 -3.84
N ALA B 30 -0.62 3.89 -3.19
CA ALA B 30 -1.00 4.72 -2.05
C ALA B 30 -2.30 4.19 -1.45
N SER B 31 -2.74 4.85 -0.37
CA SER B 31 -3.96 4.46 0.31
C SER B 31 -4.70 5.66 0.90
N LEU B 32 -6.01 5.60 0.76
CA LEU B 32 -6.93 6.66 1.26
C LEU B 32 -7.27 6.24 2.71
N ILE B 33 -6.97 7.13 3.63
CA ILE B 33 -7.21 6.93 5.05
C ILE B 33 -8.37 7.81 5.51
N SER B 34 -8.66 8.80 4.71
CA SER B 34 -9.78 9.75 4.96
C SER B 34 -10.10 10.45 3.64
N ASP B 35 -11.12 11.29 3.70
CA ASP B 35 -11.60 12.05 2.54
C ASP B 35 -10.54 12.96 1.98
N ARG B 36 -9.55 13.33 2.78
CA ARG B 36 -8.47 14.20 2.32
C ARG B 36 -7.05 13.80 2.62
N TRP B 37 -6.82 12.62 3.11
CA TRP B 37 -5.50 12.12 3.48
C TRP B 37 -5.17 10.81 2.76
N VAL B 38 -4.00 10.84 2.15
CA VAL B 38 -3.42 9.71 1.42
C VAL B 38 -2.06 9.41 2.06
N LEU B 39 -1.84 8.17 2.36
CA LEU B 39 -0.65 7.58 2.95
C LEU B 39 0.15 6.83 1.86
N THR B 40 1.43 7.10 1.83
CA THR B 40 2.34 6.45 0.86
C THR B 40 3.69 6.21 1.50
N ALA B 41 4.66 5.79 0.71
CA ALA B 41 6.06 5.62 1.21
C ALA B 41 6.76 6.93 0.84
N ALA B 42 7.59 7.41 1.73
CA ALA B 42 8.34 8.67 1.50
C ALA B 42 9.28 8.51 0.31
N HIS B 43 9.75 7.30 0.07
CA HIS B 43 10.71 7.06 -1.01
C HIS B 43 10.08 7.26 -2.38
N CYS B 44 8.75 7.40 -2.37
CA CYS B 44 8.01 7.66 -3.61
C CYS B 44 8.20 9.12 -4.06
N LEU B 45 8.32 10.00 -3.10
CA LEU B 45 8.47 11.43 -3.27
C LEU B 45 9.88 11.96 -3.12
N LEU B 46 10.63 11.41 -2.18
CA LEU B 46 11.99 11.82 -1.91
C LEU B 46 12.98 10.67 -1.83
N TYR B 47 13.93 10.71 -2.77
CA TYR B 47 15.01 9.72 -2.81
C TYR B 47 16.23 10.29 -3.54
N PRO B 48 17.01 11.03 -2.78
CA PRO B 48 18.16 11.75 -3.28
C PRO B 48 19.19 10.98 -4.02
N PRO B 49 19.42 9.72 -3.67
CA PRO B 49 20.42 8.90 -4.35
C PRO B 49 20.08 8.68 -5.81
N TRP B 50 18.80 8.83 -6.14
CA TRP B 50 18.28 8.68 -7.49
C TRP B 50 17.78 10.02 -8.03
N ASP B 51 18.10 11.09 -7.37
CA ASP B 51 17.71 12.44 -7.73
C ASP B 51 16.19 12.63 -7.69
N LYS B 52 15.52 11.75 -6.97
CA LYS B 52 14.06 11.81 -6.79
C LYS B 52 13.67 12.74 -5.66
N ASN B 53 12.95 13.78 -6.05
CA ASN B 53 12.43 14.79 -5.12
C ASN B 53 11.20 15.45 -5.74
N PHE B 54 10.05 14.90 -5.39
CA PHE B 54 8.76 15.36 -5.91
C PHE B 54 8.07 16.34 -4.98
N THR B 55 7.66 17.44 -5.59
CA THR B 55 6.86 18.46 -4.91
C THR B 55 5.39 18.09 -5.25
N GLU B 56 4.49 18.71 -4.56
CA GLU B 56 3.05 18.54 -4.70
C GLU B 56 2.57 18.91 -6.08
N ASN B 57 3.25 19.88 -6.65
CA ASN B 57 2.94 20.43 -7.97
C ASN B 57 3.22 19.41 -9.08
N ASP B 58 4.03 18.42 -8.75
CA ASP B 58 4.47 17.37 -9.64
C ASP B 58 3.54 16.17 -9.68
N LEU B 59 2.67 16.06 -8.69
CA LEU B 59 1.84 14.86 -8.54
C LEU B 59 0.35 15.08 -8.70
N LEU B 60 -0.27 13.95 -8.99
CA LEU B 60 -1.72 13.81 -9.14
C LEU B 60 -2.07 12.47 -8.44
N VAL B 61 -3.18 12.47 -7.73
CA VAL B 61 -3.65 11.22 -7.10
C VAL B 61 -4.91 10.74 -7.83
N ARG B 62 -4.93 9.46 -8.08
CA ARG B 62 -6.02 8.77 -8.77
C ARG B 62 -6.61 7.65 -7.92
N ILE B 63 -7.82 7.92 -7.43
CA ILE B 63 -8.60 7.05 -6.56
C ILE B 63 -9.81 6.45 -7.25
N GLY B 64 -10.03 5.17 -7.01
CA GLY B 64 -11.17 4.40 -7.49
C GLY B 64 -10.84 3.61 -8.76
N LYS B 65 -9.53 3.53 -9.00
CA LYS B 65 -8.98 2.90 -10.18
C LYS B 65 -8.94 1.39 -10.14
N HIS B 66 -9.04 0.85 -11.34
CA HIS B 66 -8.99 -0.58 -11.63
C HIS B 66 -7.97 -0.83 -12.77
N SER B 67 -8.25 -0.18 -13.88
CA SER B 67 -7.34 -0.26 -15.07
C SER B 67 -6.11 0.60 -14.72
N ARG B 68 -4.96 0.12 -15.14
CA ARG B 68 -3.68 0.78 -14.86
C ARG B 68 -3.52 2.05 -15.66
N THR B 69 -3.67 1.91 -16.96
CA THR B 69 -3.44 2.98 -17.92
C THR B 69 -4.62 3.75 -18.41
N ARG B 70 -5.81 3.22 -18.26
CA ARG B 70 -7.06 3.81 -18.69
C ARG B 70 -7.59 4.89 -17.75
N TYR B 71 -8.27 5.85 -18.36
CA TYR B 71 -8.94 6.93 -17.63
C TYR B 71 -10.39 6.47 -17.38
N GLU B 72 -10.57 5.87 -16.25
CA GLU B 72 -11.89 5.29 -15.87
C GLU B 72 -12.86 6.40 -15.60
N ARG B 73 -13.45 6.85 -16.70
CA ARG B 73 -14.28 7.99 -16.85
C ARG B 73 -15.25 8.40 -15.76
N ASN B 74 -16.14 7.54 -15.36
CA ASN B 74 -17.14 7.90 -14.32
C ASN B 74 -16.85 7.20 -13.01
N ILE B 75 -15.70 6.58 -12.90
CA ILE B 75 -15.34 5.83 -11.71
C ILE B 75 -14.30 6.44 -10.81
N GLU B 76 -13.19 6.83 -11.39
CA GLU B 76 -12.06 7.43 -10.70
C GLU B 76 -12.20 8.94 -10.53
N LYS B 77 -11.58 9.41 -9.47
CA LYS B 77 -11.46 10.82 -9.08
C LYS B 77 -9.95 11.11 -9.12
N ILE B 78 -9.64 12.29 -9.58
CA ILE B 78 -8.26 12.76 -9.68
C ILE B 78 -8.13 13.95 -8.73
N SER B 79 -7.18 13.82 -7.83
CA SER B 79 -6.91 14.79 -6.79
C SER B 79 -5.53 15.44 -6.97
N MET B 80 -5.54 16.71 -6.62
CA MET B 80 -4.33 17.54 -6.57
C MET B 80 -3.96 17.60 -5.09
N LEU B 81 -2.68 17.55 -4.85
CA LEU B 81 -2.12 17.62 -3.49
C LEU B 81 -2.06 19.08 -3.08
N GLU B 82 -2.26 19.26 -1.80
CA GLU B 82 -2.15 20.59 -1.18
C GLU B 82 -0.75 20.69 -0.56
N LYS B 83 -0.42 19.65 0.20
CA LYS B 83 0.87 19.57 0.88
C LYS B 83 1.23 18.14 1.23
N ILE B 84 2.52 17.89 1.12
CA ILE B 84 3.14 16.58 1.40
C ILE B 84 3.92 16.68 2.71
N TYR B 85 3.82 15.62 3.48
CA TYR B 85 4.50 15.53 4.78
C TYR B 85 5.35 14.27 4.77
N ILE B 86 6.65 14.48 4.78
CA ILE B 86 7.61 13.35 4.88
C ILE B 86 7.99 13.29 6.37
N HIS B 87 7.94 12.07 6.89
CA HIS B 87 8.38 11.85 8.30
C HIS B 87 9.77 12.50 8.38
N PRO B 88 9.88 13.45 9.30
CA PRO B 88 11.13 14.18 9.52
C PRO B 88 12.37 13.33 9.71
N ARG B 89 12.21 12.07 10.04
CA ARG B 89 13.28 11.13 10.32
C ARG B 89 13.40 9.99 9.34
N TYR B 90 12.61 10.01 8.28
CA TYR B 90 12.79 9.01 7.19
C TYR B 90 14.30 8.93 6.90
N ASN B 91 14.81 7.72 6.84
CA ASN B 91 16.25 7.47 6.62
C ASN B 91 16.51 6.95 5.21
N TRP B 92 16.49 7.85 4.26
CA TRP B 92 16.78 7.52 2.86
C TRP B 92 18.27 7.24 2.70
N ARG B 93 18.99 7.55 3.76
CA ARG B 93 20.45 7.40 3.78
C ARG B 93 20.93 5.98 3.95
N GLU B 94 20.22 5.22 4.77
CA GLU B 94 20.64 3.83 5.00
C GLU B 94 19.67 2.75 4.65
N ASN B 95 18.49 2.73 5.25
CA ASN B 95 17.60 1.56 5.08
C ASN B 95 16.13 1.85 4.88
N LEU B 96 15.77 3.06 4.54
CA LEU B 96 14.37 3.45 4.35
C LEU B 96 13.54 3.31 5.62
N ASP B 97 14.20 3.41 6.74
CA ASP B 97 13.56 3.46 8.06
C ASP B 97 12.64 4.73 8.03
N ARG B 98 11.42 4.50 8.49
CA ARG B 98 10.39 5.53 8.54
C ARG B 98 9.99 6.00 7.15
N ASP B 99 9.71 5.03 6.31
CA ASP B 99 9.33 5.25 4.89
C ASP B 99 7.82 5.45 4.86
N ILE B 100 7.43 6.65 5.22
CA ILE B 100 6.01 7.01 5.29
C ILE B 100 5.88 8.50 4.97
N ALA B 101 4.81 8.81 4.26
CA ALA B 101 4.54 10.25 3.93
C ALA B 101 3.04 10.42 3.92
N LEU B 102 2.60 11.62 4.30
CA LEU B 102 1.15 11.93 4.24
C LEU B 102 0.96 13.02 3.17
N MET B 103 -0.06 12.83 2.37
CA MET B 103 -0.42 13.80 1.34
C MET B 103 -1.82 14.35 1.67
N LYS B 104 -1.86 15.67 1.73
CA LYS B 104 -3.16 16.35 2.00
C LYS B 104 -3.71 16.70 0.61
N LEU B 105 -4.91 16.21 0.36
CA LEU B 105 -5.62 16.49 -0.91
C LEU B 105 -6.14 17.93 -0.85
N LYS B 106 -6.16 18.57 -1.99
CA LYS B 106 -6.58 19.96 -2.13
C LYS B 106 -8.06 20.15 -1.84
N LYS B 107 -8.86 19.13 -2.05
CA LYS B 107 -10.28 19.07 -1.73
C LYS B 107 -10.62 17.60 -1.43
N PRO B 108 -11.52 17.42 -0.49
CA PRO B 108 -11.94 16.09 -0.05
C PRO B 108 -12.58 15.36 -1.24
N VAL B 109 -12.46 14.04 -1.24
CA VAL B 109 -13.08 13.20 -2.26
C VAL B 109 -14.37 12.63 -1.65
N ALA B 110 -15.31 12.41 -2.54
CA ALA B 110 -16.61 11.81 -2.19
C ALA B 110 -16.39 10.28 -2.25
N PHE B 111 -16.94 9.61 -1.26
CA PHE B 111 -16.80 8.13 -1.25
C PHE B 111 -17.81 7.58 -2.26
N SER B 112 -17.66 6.31 -2.52
CA SER B 112 -18.48 5.60 -3.51
C SER B 112 -18.22 4.10 -3.37
N ASP B 113 -18.60 3.38 -4.36
CA ASP B 113 -18.52 1.92 -4.49
C ASP B 113 -17.06 1.49 -4.72
N TYR B 114 -16.28 2.41 -5.26
CA TYR B 114 -14.89 2.12 -5.63
C TYR B 114 -13.88 2.92 -4.83
N ILE B 115 -14.36 3.79 -3.97
CA ILE B 115 -13.55 4.70 -3.16
C ILE B 115 -14.07 4.71 -1.72
N HIS B 116 -13.31 4.07 -0.88
CA HIS B 116 -13.65 3.93 0.55
C HIS B 116 -12.33 3.81 1.33
N PRO B 117 -12.30 4.47 2.46
CA PRO B 117 -11.08 4.49 3.29
C PRO B 117 -10.88 3.20 4.04
N VAL B 118 -9.60 2.91 4.23
CA VAL B 118 -9.17 1.74 5.02
C VAL B 118 -8.92 2.27 6.44
N CYS B 119 -9.00 1.38 7.41
CA CYS B 119 -8.78 1.70 8.82
C CYS B 119 -7.30 1.63 9.18
N LEU B 120 -6.94 2.53 10.08
CA LEU B 120 -5.58 2.59 10.63
C LEU B 120 -5.70 1.72 11.91
N PRO B 121 -4.67 0.96 12.16
CA PRO B 121 -4.65 0.05 13.30
C PRO B 121 -4.47 0.81 14.62
N ASP B 122 -5.05 0.19 15.61
CA ASP B 122 -4.97 0.65 17.02
C ASP B 122 -4.06 -0.39 17.67
N ARG B 123 -3.65 -0.12 18.87
CA ARG B 123 -2.74 -0.97 19.62
C ARG B 123 -3.14 -2.42 19.70
N GLU B 124 -4.38 -2.73 19.98
CA GLU B 124 -4.87 -4.10 20.12
C GLU B 124 -5.01 -4.84 18.81
N THR B 125 -5.27 -4.11 17.75
CA THR B 125 -5.44 -4.67 16.39
C THR B 125 -4.09 -5.16 15.89
N ALA B 126 -3.12 -4.27 15.97
CA ALA B 126 -1.73 -4.57 15.60
C ALA B 126 -1.23 -5.78 16.40
N ALA B 127 -1.53 -5.71 17.70
CA ALA B 127 -1.10 -6.75 18.62
C ALA B 127 -1.64 -8.11 18.22
N SER B 128 -2.85 -8.13 17.70
CA SER B 128 -3.55 -9.35 17.32
C SER B 128 -3.19 -9.92 15.95
N LEU B 129 -3.07 -9.04 14.98
CA LEU B 129 -2.88 -9.41 13.59
C LEU B 129 -1.44 -9.52 13.15
N LEU B 130 -0.60 -8.66 13.71
CA LEU B 130 0.83 -8.64 13.33
C LEU B 130 1.58 -9.81 13.94
N GLN B 131 1.28 -10.97 13.38
CA GLN B 131 1.89 -12.23 13.82
C GLN B 131 2.34 -13.07 12.63
N ALA B 132 3.52 -13.63 12.80
CA ALA B 132 4.13 -14.53 11.78
C ALA B 132 3.16 -15.68 11.54
N GLY B 133 2.84 -15.88 10.28
CA GLY B 133 1.92 -16.91 9.82
C GLY B 133 0.65 -16.27 9.26
N TYR B 134 0.30 -15.13 9.83
CA TYR B 134 -0.88 -14.36 9.46
C TYR B 134 -0.64 -13.71 8.09
N LYS B 135 -1.61 -13.92 7.23
CA LYS B 135 -1.55 -13.36 5.88
C LYS B 135 -2.18 -11.97 5.87
N GLY B 136 -1.57 -11.15 5.05
CA GLY B 136 -1.98 -9.76 4.77
C GLY B 136 -2.10 -9.71 3.23
N ARG B 137 -2.62 -8.60 2.78
CA ARG B 137 -2.89 -8.39 1.35
C ARG B 137 -2.13 -7.17 0.88
N VAL B 138 -1.47 -7.36 -0.24
CA VAL B 138 -0.73 -6.30 -0.95
C VAL B 138 -1.42 -6.19 -2.33
N THR B 139 -1.65 -5.00 -2.75
CA THR B 139 -2.27 -4.68 -4.04
C THR B 139 -1.33 -3.68 -4.73
N GLY B 140 -1.38 -3.62 -6.03
CA GLY B 140 -0.57 -2.65 -6.77
C GLY B 140 -0.64 -2.86 -8.28
N TRP B 141 -0.11 -1.86 -8.98
CA TRP B 141 -0.02 -1.83 -10.43
C TRP B 141 1.43 -1.87 -10.92
N GLY B 142 2.31 -2.42 -10.12
CA GLY B 142 3.73 -2.49 -10.41
C GLY B 142 4.11 -3.71 -11.26
N ASN B 143 5.41 -3.77 -11.56
CA ASN B 143 5.97 -4.84 -12.37
C ASN B 143 5.42 -6.21 -11.92
N LEU B 144 5.25 -7.06 -12.91
CA LEU B 144 4.80 -8.44 -12.76
C LEU B 144 5.96 -9.41 -12.57
N LYS B 145 7.11 -9.00 -13.07
CA LYS B 145 8.35 -9.77 -12.96
C LYS B 145 9.47 -8.77 -12.56
N GLU B 146 10.50 -9.35 -11.96
CA GLU B 146 11.65 -8.58 -11.53
C GLU B 146 12.42 -8.07 -12.76
N GLY B 155 5.23 -6.69 -18.77
CA GLY B 155 5.67 -6.98 -17.38
C GLY B 155 4.90 -5.99 -16.48
N GLN B 156 3.91 -5.40 -17.12
CA GLN B 156 2.99 -4.45 -16.48
C GLN B 156 1.58 -5.00 -16.78
N PRO B 157 0.76 -4.99 -15.73
CA PRO B 157 -0.61 -5.52 -15.81
C PRO B 157 -1.55 -4.47 -16.36
N SER B 158 -2.73 -4.94 -16.75
CA SER B 158 -3.76 -4.00 -17.26
C SER B 158 -4.61 -3.56 -16.08
N VAL B 159 -4.66 -4.47 -15.11
CA VAL B 159 -5.52 -4.35 -13.93
C VAL B 159 -4.79 -4.47 -12.61
N LEU B 160 -5.35 -3.82 -11.60
CA LEU B 160 -4.84 -3.86 -10.22
C LEU B 160 -4.55 -5.30 -9.90
N GLN B 161 -3.40 -5.55 -9.32
CA GLN B 161 -3.00 -6.92 -8.94
C GLN B 161 -3.07 -7.06 -7.41
N VAL B 162 -3.31 -8.29 -7.01
CA VAL B 162 -3.40 -8.68 -5.62
C VAL B 162 -2.68 -9.99 -5.31
N VAL B 163 -2.23 -10.06 -4.08
CA VAL B 163 -1.56 -11.25 -3.55
C VAL B 163 -1.62 -11.18 -2.02
N ASN B 164 -1.81 -12.33 -1.41
CA ASN B 164 -1.86 -12.54 0.03
C ASN B 164 -0.52 -13.13 0.50
N LEU B 165 0.09 -12.42 1.43
CA LEU B 165 1.42 -12.77 1.94
C LEU B 165 1.43 -12.93 3.46
N PRO B 166 2.14 -13.95 3.91
CA PRO B 166 2.25 -14.26 5.34
C PRO B 166 3.40 -13.47 5.96
N ILE B 167 3.12 -12.94 7.13
CA ILE B 167 4.10 -12.15 7.92
C ILE B 167 5.18 -13.16 8.34
N VAL B 168 6.41 -12.72 8.25
CA VAL B 168 7.56 -13.62 8.59
C VAL B 168 8.20 -13.15 9.87
N GLU B 169 8.71 -14.12 10.59
CA GLU B 169 9.41 -13.90 11.87
C GLU B 169 10.52 -12.87 11.62
N ARG B 170 10.79 -12.10 12.62
CA ARG B 170 11.79 -11.01 12.59
C ARG B 170 13.18 -11.52 12.31
N PRO B 171 13.54 -12.65 12.90
CA PRO B 171 14.86 -13.26 12.74
C PRO B 171 15.15 -13.58 11.29
N VAL B 172 14.20 -14.27 10.69
CA VAL B 172 14.24 -14.70 9.29
C VAL B 172 14.33 -13.50 8.37
N CYS B 173 13.67 -12.42 8.75
CA CYS B 173 13.67 -11.17 7.99
C CYS B 173 15.12 -10.62 8.00
N LYS B 174 15.66 -10.56 9.21
CA LYS B 174 17.00 -10.03 9.49
C LYS B 174 18.08 -10.85 8.75
N ASP B 175 17.98 -12.15 8.83
CA ASP B 175 18.85 -13.12 8.24
C ASP B 175 18.83 -13.26 6.73
N SER B 176 17.97 -12.57 6.05
CA SER B 176 17.75 -12.73 4.60
C SER B 176 18.32 -11.59 3.79
N THR B 177 18.90 -10.64 4.49
CA THR B 177 19.45 -9.43 3.86
C THR B 177 20.62 -8.94 4.69
N ARG B 178 21.38 -8.06 4.14
CA ARG B 178 22.53 -7.41 4.78
C ARG B 178 22.13 -6.03 5.29
N ILE B 179 20.90 -5.65 4.93
CA ILE B 179 20.33 -4.34 5.30
C ILE B 179 19.91 -4.33 6.75
N ARG B 180 20.14 -3.19 7.39
CA ARG B 180 19.83 -2.97 8.80
C ARG B 180 18.33 -2.66 8.94
N ILE B 181 17.68 -3.65 9.51
CA ILE B 181 16.24 -3.75 9.78
C ILE B 181 15.89 -3.09 11.08
N THR B 182 14.81 -2.35 11.11
CA THR B 182 14.33 -1.65 12.31
C THR B 182 12.93 -2.15 12.68
N ASP B 183 12.47 -1.64 13.79
CA ASP B 183 11.19 -1.91 14.38
C ASP B 183 10.05 -1.28 13.56
N ASN B 184 10.40 -0.24 12.82
CA ASN B 184 9.43 0.44 11.96
C ASN B 184 9.24 -0.33 10.64
N MET B 185 9.63 -1.55 10.60
CA MET B 185 9.51 -2.40 9.40
C MET B 185 9.09 -3.81 9.85
N PHE B 186 8.61 -4.52 8.88
CA PHE B 186 8.29 -5.96 8.98
C PHE B 186 8.53 -6.52 7.57
N CYS B 187 8.66 -7.82 7.50
CA CYS B 187 8.80 -8.51 6.21
C CYS B 187 7.66 -9.54 6.10
N ALA B 188 7.42 -9.87 4.85
CA ALA B 188 6.35 -10.77 4.44
C ALA B 188 6.70 -11.41 3.10
N GLY B 189 6.25 -12.63 2.99
CA GLY B 189 6.39 -13.47 1.80
C GLY B 189 6.52 -14.93 2.24
N TYR B 190 6.43 -15.81 1.26
CA TYR B 190 6.59 -17.24 1.50
C TYR B 190 8.07 -17.62 1.57
N LYS B 191 8.29 -18.70 2.30
CA LYS B 191 9.65 -19.28 2.44
C LYS B 191 9.81 -20.27 1.30
N PRO B 192 11.05 -20.50 0.91
CA PRO B 192 11.37 -21.39 -0.21
C PRO B 192 10.64 -22.71 -0.10
N ASP B 193 10.60 -23.24 1.11
CA ASP B 193 9.94 -24.54 1.37
C ASP B 193 8.45 -24.45 1.58
N GLU B 194 7.80 -23.40 1.11
CA GLU B 194 6.34 -23.25 1.33
C GLU B 194 5.55 -23.48 0.07
N GLY B 195 6.27 -23.43 -1.06
CA GLY B 195 5.75 -23.72 -2.37
C GLY B 195 4.82 -22.71 -2.97
N LYS B 196 4.54 -21.62 -2.27
CA LYS B 196 3.72 -20.53 -2.85
C LYS B 196 4.71 -19.35 -2.95
N ARG B 197 4.35 -18.33 -3.68
CA ARG B 197 5.22 -17.16 -3.84
C ARG B 197 4.42 -15.91 -4.19
N GLY B 198 5.17 -14.87 -4.49
CA GLY B 198 4.58 -13.56 -4.85
C GLY B 198 5.27 -12.51 -3.96
N ASP B 199 5.05 -11.29 -4.36
CA ASP B 199 5.74 -10.14 -3.73
C ASP B 199 5.30 -8.89 -4.52
N ALA B 200 5.68 -7.77 -3.95
CA ALA B 200 5.46 -6.46 -4.62
C ALA B 200 6.71 -6.24 -5.49
N CYS B 201 6.67 -5.21 -6.30
CA CYS B 201 7.83 -4.95 -7.22
C CYS B 201 7.77 -3.51 -7.61
N GLU B 202 8.74 -3.01 -8.35
CA GLU B 202 8.78 -1.60 -8.78
C GLU B 202 7.38 -1.14 -9.11
N GLY B 203 7.02 0.05 -8.68
CA GLY B 203 5.71 0.64 -8.94
C GLY B 203 4.68 0.29 -7.89
N ASP B 204 4.97 -0.68 -7.06
CA ASP B 204 4.11 -1.15 -5.98
C ASP B 204 4.28 -0.30 -4.73
N SER B 205 5.42 0.33 -4.59
CA SER B 205 5.80 1.14 -3.45
C SER B 205 4.64 2.08 -3.07
N GLY B 206 4.55 2.27 -1.76
CA GLY B 206 3.57 3.15 -1.16
C GLY B 206 2.23 2.46 -1.02
N GLY B 207 2.13 1.31 -1.66
CA GLY B 207 0.90 0.51 -1.63
C GLY B 207 0.72 -0.08 -0.23
N PRO B 208 -0.54 -0.39 0.05
CA PRO B 208 -0.93 -0.94 1.34
C PRO B 208 -0.80 -2.43 1.50
N PHE B 209 -0.39 -2.78 2.70
CA PHE B 209 -0.40 -4.19 3.17
C PHE B 209 -1.55 -4.10 4.21
N VAL B 210 -2.61 -4.84 3.97
CA VAL B 210 -3.82 -4.71 4.83
C VAL B 210 -4.23 -6.11 5.28
N MET B 211 -4.83 -6.17 6.45
CA MET B 211 -5.36 -7.46 7.01
C MET B 211 -6.81 -7.16 7.36
N LYS B 212 -7.62 -8.20 7.41
CA LYS B 212 -9.04 -8.02 7.79
C LYS B 212 -9.27 -8.54 9.21
N SER B 213 -9.69 -7.64 10.07
CA SER B 213 -9.97 -8.03 11.48
C SER B 213 -11.09 -9.05 11.56
N PRO B 214 -10.80 -10.09 12.34
CA PRO B 214 -11.77 -11.17 12.56
C PRO B 214 -12.71 -10.80 13.70
N PHE B 215 -12.39 -9.68 14.31
CA PHE B 215 -13.18 -9.17 15.45
C PHE B 215 -14.32 -8.29 14.98
N ASN B 216 -14.02 -7.43 14.02
CA ASN B 216 -15.04 -6.43 13.60
C ASN B 216 -15.24 -6.40 12.10
N ASN B 217 -14.50 -7.29 11.41
CA ASN B 217 -14.68 -7.41 9.95
C ASN B 217 -14.15 -6.28 9.11
N ARG B 218 -13.40 -5.37 9.70
CA ARG B 218 -12.85 -4.22 8.98
C ARG B 218 -11.43 -4.52 8.46
N TRP B 219 -11.05 -3.75 7.47
CA TRP B 219 -9.73 -3.85 6.84
C TRP B 219 -8.83 -2.76 7.43
N TYR B 220 -7.68 -3.17 7.95
CA TYR B 220 -6.71 -2.22 8.53
C TYR B 220 -5.42 -2.23 7.71
N GLN B 221 -4.81 -1.06 7.57
CA GLN B 221 -3.51 -0.96 6.85
C GLN B 221 -2.41 -1.22 7.88
N MET B 222 -1.84 -2.40 7.83
CA MET B 222 -0.78 -2.82 8.73
C MET B 222 0.58 -2.33 8.23
N GLY B 223 0.72 -2.25 6.91
CA GLY B 223 2.00 -1.85 6.31
C GLY B 223 1.92 -1.02 5.06
N ILE B 224 3.10 -0.62 4.60
CA ILE B 224 3.29 0.13 3.37
C ILE B 224 4.50 -0.50 2.64
N VAL B 225 4.27 -0.80 1.37
CA VAL B 225 5.32 -1.35 0.50
C VAL B 225 6.51 -0.39 0.50
N SER B 226 7.60 -0.93 1.08
CA SER B 226 8.82 -0.14 1.21
C SER B 226 9.94 -0.60 0.31
N TRP B 227 10.40 -1.82 0.52
CA TRP B 227 11.55 -2.32 -0.25
C TRP B 227 11.67 -3.83 -0.18
N GLY B 228 12.63 -4.30 -0.98
CA GLY B 228 12.96 -5.73 -1.09
C GLY B 228 14.03 -5.84 -2.18
N GLU B 229 14.90 -6.80 -2.01
CA GLU B 229 16.01 -7.03 -2.97
C GLU B 229 15.57 -7.96 -4.08
N GLY B 230 15.19 -7.32 -5.17
CA GLY B 230 14.59 -8.05 -6.33
C GLY B 230 13.13 -8.37 -5.97
N CYS B 231 12.44 -9.02 -6.91
CA CYS B 231 11.04 -9.39 -6.68
C CYS B 231 10.84 -10.90 -6.78
N ASP B 232 10.27 -11.46 -5.74
CA ASP B 232 9.95 -12.88 -5.65
C ASP B 232 11.13 -13.82 -5.72
N ARG B 233 12.31 -13.30 -5.42
CA ARG B 233 13.53 -14.17 -5.37
C ARG B 233 13.39 -15.09 -4.16
N ASP B 234 13.87 -16.31 -4.26
CA ASP B 234 13.83 -17.27 -3.14
C ASP B 234 14.73 -16.74 -1.99
N GLY B 235 14.30 -17.06 -0.79
CA GLY B 235 14.96 -16.75 0.46
C GLY B 235 15.05 -15.26 0.72
N LYS B 236 14.34 -14.50 -0.06
CA LYS B 236 14.24 -13.02 0.09
C LYS B 236 12.80 -12.68 0.48
N TYR B 237 12.61 -11.51 1.09
CA TYR B 237 11.30 -11.09 1.55
C TYR B 237 11.02 -9.64 1.23
N GLY B 238 9.76 -9.29 1.35
CA GLY B 238 9.34 -7.88 1.12
C GLY B 238 9.29 -7.21 2.51
N PHE B 239 9.71 -5.97 2.49
CA PHE B 239 9.74 -5.11 3.67
C PHE B 239 8.66 -4.04 3.50
N TYR B 240 7.98 -3.86 4.61
CA TYR B 240 6.85 -2.91 4.69
C TYR B 240 7.04 -1.97 5.87
N THR B 241 6.64 -0.73 5.65
CA THR B 241 6.61 0.25 6.76
C THR B 241 5.50 -0.22 7.70
N HIS B 242 5.82 -0.27 8.95
CA HIS B 242 4.89 -0.71 10.04
C HIS B 242 4.07 0.53 10.44
N VAL B 243 2.82 0.58 10.08
CA VAL B 243 1.93 1.70 10.30
C VAL B 243 1.64 2.07 11.73
N PHE B 244 1.35 1.09 12.58
CA PHE B 244 1.01 1.35 13.98
C PHE B 244 2.16 2.09 14.66
N ARG B 245 3.35 1.55 14.49
CA ARG B 245 4.58 2.13 15.01
C ARG B 245 4.71 3.62 14.70
N LEU B 246 4.26 4.04 13.54
CA LEU B 246 4.36 5.45 13.12
C LEU B 246 3.01 6.16 13.26
N LYS B 247 2.09 5.54 13.96
CA LYS B 247 0.75 6.06 14.13
C LYS B 247 0.68 7.43 14.79
N LYS B 248 1.46 7.68 15.82
CA LYS B 248 1.46 8.97 16.52
C LYS B 248 1.97 10.11 15.68
N TRP B 249 2.93 9.84 14.80
CA TRP B 249 3.39 10.88 13.88
C TRP B 249 2.24 11.22 12.93
N ILE B 250 1.59 10.18 12.42
CA ILE B 250 0.46 10.33 11.50
C ILE B 250 -0.64 11.15 12.19
N GLN B 251 -0.87 10.76 13.44
CA GLN B 251 -1.90 11.39 14.28
C GLN B 251 -1.54 12.85 14.50
N LYS B 252 -0.26 13.02 14.70
CA LYS B 252 0.38 14.32 14.95
C LYS B 252 0.18 15.29 13.81
N VAL B 253 0.35 14.88 12.57
CA VAL B 253 0.22 15.81 11.44
C VAL B 253 -1.23 16.03 11.02
N ILE B 254 -2.05 15.04 11.27
CA ILE B 254 -3.48 15.13 10.92
C ILE B 254 -4.17 16.14 11.81
N ASP B 255 -3.88 16.04 13.09
CA ASP B 255 -4.47 16.91 14.13
C ASP B 255 -3.87 18.29 14.10
N GLN B 256 -2.70 18.39 13.51
CA GLN B 256 -1.95 19.68 13.45
C GLN B 256 -2.35 20.48 12.23
N PHE B 257 -2.61 19.77 11.15
CA PHE B 257 -2.94 20.43 9.86
C PHE B 257 -4.30 19.95 9.35
N GLY C 1 2.43 7.54 -20.92
CA GLY C 1 3.18 6.57 -21.77
C GLY C 1 2.14 5.57 -22.30
N ASP C 2 2.10 4.43 -21.63
CA ASP C 2 1.11 3.39 -21.97
C ASP C 2 -0.27 3.93 -21.52
N PHE C 3 -0.22 5.15 -21.05
CA PHE C 3 -1.30 5.86 -20.43
C PHE C 3 -2.23 6.62 -21.35
N GLU C 4 -3.50 6.41 -21.03
CA GLU C 4 -4.60 7.11 -21.73
C GLU C 4 -4.68 8.49 -21.07
N GLU C 5 -4.70 9.52 -21.88
CA GLU C 5 -4.71 10.89 -21.38
C GLU C 5 -5.82 11.12 -20.37
N ILE C 6 -5.49 11.97 -19.41
CA ILE C 6 -6.45 12.42 -18.40
C ILE C 6 -6.84 13.85 -18.79
N PRO C 7 -8.10 14.16 -18.56
CA PRO C 7 -8.61 15.51 -18.88
C PRO C 7 -7.56 16.53 -18.45
B1 DI2 D . 9.05 1.05 -5.01
C DI2 D . 10.05 -0.14 -4.76
C2 DI2 D . 9.19 -1.36 -4.43
C3 DI2 D . 9.83 -2.61 -3.84
C4 DI2 D . 10.01 -3.73 -4.87
C5 DI2 D . 10.66 -4.90 -4.28
C6 DI2 D . 13.21 0.83 -2.67
C7 DI2 D . 12.30 0.48 -3.89
C8 DI2 D . 13.43 2.35 -2.55
C9 DI2 D . 14.83 2.65 -3.07
C10 DI2 D . 15.60 1.35 -3.03
C11 DI2 D . 14.85 -1.04 -2.87
C12 DI2 D . 16.93 -2.12 -1.68
C13 DI2 D . 16.27 -1.65 -3.05
C14 DI2 D . 16.91 -2.87 -5.12
C15 DI2 D . 16.71 -4.09 -6.01
C16 DI2 D . 18.07 1.12 0.07
C17 DI2 D . 17.40 1.02 1.28
C18 DI2 D . 16.59 -0.08 1.55
C19 DI2 D . 16.43 -1.09 0.59
C20 DI2 D . 17.10 -1.00 -0.62
C21 DI2 D . 17.93 0.12 -0.89
N DI2 D . 11.00 0.19 -3.63
N1 DI2 D . 10.12 -6.17 -4.06
N2 DI2 D . 14.62 0.30 -2.83
N3 DI2 D . 16.17 -2.80 -3.98
O DI2 D . 8.18 0.68 -6.11
O1 DI2 D . 9.59 2.32 -5.31
O2 DI2 D . 12.81 0.53 -5.02
O3 DI2 D . 13.90 -1.83 -2.72
O4 DI2 D . 17.72 -1.98 -5.46
#